data_2GWL
#
_entry.id   2GWL
#
_cell.length_a   55.585
_cell.length_b   55.585
_cell.length_c   143.577
_cell.angle_alpha   90.000
_cell.angle_beta   90.000
_cell.angle_gamma   120.000
#
_symmetry.space_group_name_H-M   'P 32 2 1'
#
loop_
_entity.id
_entity.type
_entity.pdbx_description
1 polymer '65 kDa virulence protein'
2 non-polymer '1,4-DIHYDRONICOTINAMIDE ADENINE DINUCLEOTIDE'
3 water water
#
_entity_poly.entity_id   1
_entity_poly.type   'polypeptide(L)'
_entity_poly.pdbx_seq_one_letter_code
;SKQIQALRYYSAQGYSVINKYLRGDDYPETQAKETLLSRDYLSTNEPSDEEFKNAMSVYINDIAEGLSSLPETDHRVVYR
GLKLDKPALSDVLKEYTTIGNIIIDKAFMSTSPDKAWINDTILNIYLEKGHKGRILGDVAHFKGEAEMLFPPNTKLKIES
IVNCGSQDFASQLSKLRLSDDATADTNRIKRIINMRVLNS
;
_entity_poly.pdbx_strand_id   A
#
# COMPACT_ATOMS: atom_id res chain seq x y z
N SER A 1 -3.26 -7.82 -21.27
CA SER A 1 -1.75 -7.85 -21.31
C SER A 1 -1.20 -8.74 -20.21
N LYS A 2 0.00 -9.30 -20.42
CA LYS A 2 0.63 -10.13 -19.38
C LYS A 2 0.85 -9.29 -18.11
N GLN A 3 1.01 -8.01 -18.33
CA GLN A 3 1.29 -7.10 -17.22
C GLN A 3 0.04 -6.90 -16.36
N ILE A 4 -1.09 -6.69 -17.01
CA ILE A 4 -2.35 -6.64 -16.25
C ILE A 4 -2.64 -7.98 -15.53
N GLN A 5 -2.33 -9.10 -16.20
CA GLN A 5 -2.51 -10.42 -15.59
C GLN A 5 -1.62 -10.57 -14.35
N ALA A 6 -0.41 -10.06 -14.40
CA ALA A 6 0.50 -10.10 -13.24
C ALA A 6 -0.06 -9.25 -12.06
N LEU A 7 -0.69 -8.13 -12.39
CA LEU A 7 -1.28 -7.23 -11.41
C LEU A 7 -2.48 -7.91 -10.80
N ARG A 8 -3.30 -8.62 -11.59
CA ARG A 8 -4.39 -9.43 -11.06
C ARG A 8 -3.86 -10.46 -10.06
N TYR A 9 -2.79 -11.14 -10.39
CA TYR A 9 -2.19 -12.10 -9.46
C TYR A 9 -1.63 -11.44 -8.18
N TYR A 10 -0.95 -10.32 -8.30
CA TYR A 10 -0.51 -9.50 -7.16
C TYR A 10 -1.68 -9.24 -6.19
N SER A 11 -2.78 -8.75 -6.75
CA SER A 11 -3.98 -8.53 -5.98
C SER A 11 -4.53 -9.75 -5.28
N ALA A 12 -4.58 -10.88 -5.97
CA ALA A 12 -5.17 -12.08 -5.48
C ALA A 12 -4.31 -12.73 -4.39
N GLN A 13 -3.01 -12.80 -4.64
CA GLN A 13 -2.08 -13.53 -3.79
C GLN A 13 -0.66 -13.04 -3.73
N GLY A 14 -0.14 -12.46 -4.79
CA GLY A 14 1.24 -12.08 -4.86
C GLY A 14 1.68 -10.97 -3.87
N TYR A 15 0.73 -10.14 -3.42
CA TYR A 15 1.06 -9.05 -2.48
C TYR A 15 1.67 -9.64 -1.21
N SER A 16 1.37 -10.92 -0.94
CA SER A 16 1.76 -11.58 0.30
C SER A 16 3.25 -11.94 0.34
N VAL A 17 3.90 -11.84 -0.79
CA VAL A 17 5.33 -12.08 -0.89
C VAL A 17 6.06 -10.81 -1.28
N ILE A 18 5.46 -10.08 -2.18
CA ILE A 18 6.14 -8.97 -2.84
C ILE A 18 6.35 -7.76 -1.90
N ASN A 19 5.39 -7.43 -1.05
CA ASN A 19 5.54 -6.26 -0.18
C ASN A 19 6.60 -6.44 0.89
N LYS A 20 6.64 -7.61 1.52
CA LYS A 20 7.72 -7.94 2.45
C LYS A 20 9.08 -7.96 1.75
N TYR A 21 9.13 -8.59 0.57
CA TYR A 21 10.37 -8.65 -0.24
C TYR A 21 10.89 -7.23 -0.51
N LEU A 22 10.05 -6.38 -1.08
CA LEU A 22 10.43 -4.95 -1.29
C LEU A 22 10.73 -4.11 -0.06
N ARG A 23 10.13 -4.40 1.10
CA ARG A 23 10.45 -3.66 2.30
C ARG A 23 11.78 -4.11 2.89
N GLY A 24 12.30 -5.25 2.46
CA GLY A 24 13.49 -5.79 3.09
C GLY A 24 13.19 -6.67 4.28
N ASP A 25 11.92 -6.99 4.52
CA ASP A 25 11.53 -7.87 5.62
C ASP A 25 11.77 -9.32 5.21
N ASP A 26 11.86 -10.21 6.21
CA ASP A 26 11.74 -11.65 5.93
C ASP A 26 10.48 -11.83 5.06
N TYR A 27 10.59 -12.66 4.03
CA TYR A 27 9.49 -12.97 3.11
C TYR A 27 9.52 -14.48 2.85
N PRO A 28 8.43 -15.04 2.28
CA PRO A 28 8.38 -16.50 2.06
C PRO A 28 9.17 -16.85 0.79
N GLU A 29 10.37 -17.34 0.98
CA GLU A 29 11.30 -17.51 -0.15
C GLU A 29 10.89 -18.63 -1.08
N THR A 30 10.49 -19.75 -0.52
CA THR A 30 10.04 -20.88 -1.34
C THR A 30 8.81 -20.47 -2.14
N GLN A 31 7.91 -19.72 -1.51
CA GLN A 31 6.70 -19.29 -2.22
C GLN A 31 7.04 -18.34 -3.38
N ALA A 32 7.98 -17.40 -3.18
CA ALA A 32 8.42 -16.52 -4.27
C ALA A 32 8.96 -17.33 -5.47
N LYS A 33 9.80 -18.30 -5.17
CA LYS A 33 10.40 -19.13 -6.23
C LYS A 33 9.33 -19.89 -6.93
N GLU A 34 8.38 -20.48 -6.20
CA GLU A 34 7.30 -21.19 -6.88
C GLU A 34 6.48 -20.31 -7.79
N THR A 35 6.17 -19.10 -7.35
CA THR A 35 5.46 -18.13 -8.18
C THR A 35 6.25 -17.82 -9.45
N LEU A 36 7.54 -17.58 -9.34
CA LEU A 36 8.37 -17.31 -10.52
C LEU A 36 8.43 -18.47 -11.53
N LEU A 37 8.56 -19.70 -11.03
CA LEU A 37 8.56 -20.92 -11.86
C LEU A 37 7.17 -21.05 -12.55
N SER A 38 6.12 -20.97 -11.72
CA SER A 38 4.73 -21.09 -12.17
C SER A 38 4.37 -20.15 -13.31
N ARG A 39 4.85 -18.92 -13.20
CA ARG A 39 4.55 -17.89 -14.18
C ARG A 39 5.67 -17.71 -15.20
N ASP A 40 6.66 -18.59 -15.18
CA ASP A 40 7.64 -18.77 -16.23
C ASP A 40 8.75 -17.73 -16.24
N TYR A 41 8.84 -16.91 -15.22
CA TYR A 41 10.00 -16.03 -15.01
C TYR A 41 11.31 -16.79 -14.74
N LEU A 42 11.21 -18.03 -14.27
CA LEU A 42 12.36 -18.89 -14.05
C LEU A 42 12.10 -20.21 -14.73
N SER A 43 13.16 -20.80 -15.31
CA SER A 43 13.14 -22.12 -15.88
C SER A 43 13.84 -23.11 -14.94
N THR A 44 15.08 -22.84 -14.55
CA THR A 44 15.74 -23.62 -13.46
C THR A 44 14.85 -23.63 -12.21
N ASN A 45 14.64 -24.82 -11.66
CA ASN A 45 14.07 -24.95 -10.32
C ASN A 45 15.13 -24.81 -9.21
N GLU A 46 16.36 -24.44 -9.57
CA GLU A 46 17.39 -24.14 -8.58
C GLU A 46 18.12 -22.90 -9.05
N PRO A 47 17.43 -21.74 -9.02
CA PRO A 47 18.04 -20.51 -9.50
C PRO A 47 19.15 -20.03 -8.57
N SER A 48 20.21 -19.47 -9.13
CA SER A 48 21.12 -18.69 -8.32
C SER A 48 20.40 -17.49 -7.70
N ASP A 49 21.07 -16.84 -6.75
CA ASP A 49 20.57 -15.62 -6.12
C ASP A 49 20.39 -14.53 -7.14
N GLU A 50 21.35 -14.42 -8.05
CA GLU A 50 21.23 -13.54 -9.19
C GLU A 50 20.00 -13.80 -10.06
N GLU A 51 19.81 -15.05 -10.48
CA GLU A 51 18.67 -15.40 -11.33
C GLU A 51 17.35 -15.11 -10.62
N PHE A 52 17.32 -15.39 -9.33
CA PHE A 52 16.14 -15.20 -8.52
C PHE A 52 15.86 -13.72 -8.42
N LYS A 53 16.86 -12.93 -8.10
CA LYS A 53 16.67 -11.51 -7.92
C LYS A 53 16.20 -10.87 -9.22
N ASN A 54 16.83 -11.26 -10.35
CA ASN A 54 16.47 -10.72 -11.66
C ASN A 54 15.03 -11.06 -12.05
N ALA A 55 14.60 -12.25 -11.67
CA ALA A 55 13.30 -12.72 -12.03
C ALA A 55 12.23 -12.00 -11.22
N MET A 56 12.54 -11.83 -9.95
CA MET A 56 11.64 -11.02 -9.07
C MET A 56 11.47 -9.61 -9.63
N SER A 57 12.53 -9.04 -10.17
CA SER A 57 12.49 -7.70 -10.75
C SER A 57 11.56 -7.63 -11.93
N VAL A 58 11.64 -8.62 -12.83
CA VAL A 58 10.74 -8.61 -13.99
C VAL A 58 9.30 -8.71 -13.52
N TYR A 59 9.04 -9.61 -12.58
CA TYR A 59 7.71 -9.85 -12.03
C TYR A 59 7.15 -8.57 -11.38
N ILE A 60 7.93 -7.92 -10.55
CA ILE A 60 7.47 -6.65 -9.94
C ILE A 60 7.24 -5.57 -10.99
N ASN A 61 8.15 -5.48 -11.97
CA ASN A 61 8.02 -4.54 -13.05
C ASN A 61 6.80 -4.75 -13.89
N ASP A 62 6.41 -6.03 -14.09
CA ASP A 62 5.21 -6.37 -14.83
C ASP A 62 4.01 -5.86 -14.06
N ILE A 63 3.98 -6.10 -12.77
CA ILE A 63 2.85 -5.61 -11.92
C ILE A 63 2.73 -4.07 -11.97
N ALA A 64 3.84 -3.37 -11.82
CA ALA A 64 3.87 -1.89 -11.93
C ALA A 64 3.45 -1.37 -13.27
N GLU A 65 3.89 -2.02 -14.37
CA GLU A 65 3.50 -1.57 -15.70
C GLU A 65 2.01 -1.81 -15.94
N GLY A 66 1.49 -2.94 -15.48
CA GLY A 66 0.07 -3.16 -15.58
C GLY A 66 -0.73 -2.11 -14.81
N LEU A 67 -0.26 -1.78 -13.63
CA LEU A 67 -0.87 -0.72 -12.81
C LEU A 67 -0.87 0.61 -13.56
N SER A 68 0.30 0.98 -14.10
CA SER A 68 0.51 2.23 -14.80
C SER A 68 -0.42 2.42 -16.02
N SER A 69 -0.77 1.28 -16.60
CA SER A 69 -1.59 1.25 -17.79
C SER A 69 -3.06 1.50 -17.52
N LEU A 70 -3.48 1.47 -16.24
CA LEU A 70 -4.89 1.71 -15.88
C LEU A 70 -5.24 3.18 -15.96
N PRO A 71 -6.51 3.49 -16.21
CA PRO A 71 -6.96 4.87 -16.33
C PRO A 71 -6.76 5.70 -15.05
N GLU A 72 -6.33 6.94 -15.23
CA GLU A 72 -6.26 7.88 -14.12
C GLU A 72 -7.64 8.38 -13.78
N THR A 73 -7.80 8.83 -12.54
CA THR A 73 -9.07 9.34 -12.01
C THR A 73 -8.85 10.68 -11.32
N ASP A 74 -9.92 11.35 -10.92
CA ASP A 74 -9.77 12.71 -10.38
C ASP A 74 -9.60 12.80 -8.87
N HIS A 75 -9.35 11.67 -8.21
CA HIS A 75 -9.21 11.60 -6.77
C HIS A 75 -8.07 12.49 -6.25
N ARG A 76 -8.37 13.23 -5.20
CA ARG A 76 -7.39 14.11 -4.54
C ARG A 76 -7.07 13.74 -3.09
N VAL A 77 -7.75 12.75 -2.54
CA VAL A 77 -7.38 12.22 -1.27
C VAL A 77 -7.75 10.75 -1.24
N VAL A 78 -6.99 9.97 -0.50
CA VAL A 78 -7.30 8.55 -0.28
C VAL A 78 -6.96 8.24 1.12
N TYR A 79 -7.39 7.08 1.55
CA TYR A 79 -7.25 6.66 2.96
C TYR A 79 -6.59 5.32 3.09
N ARG A 80 -5.87 5.17 4.19
CA ARG A 80 -5.19 3.92 4.53
C ARG A 80 -5.11 3.73 6.05
N GLY A 81 -5.52 2.59 6.53
CA GLY A 81 -5.51 2.24 7.95
C GLY A 81 -4.25 1.44 8.15
N LEU A 82 -3.51 1.72 9.22
CA LEU A 82 -2.25 0.95 9.50
C LEU A 82 -2.28 0.59 10.97
N LYS A 83 -1.66 -0.54 11.30
CA LYS A 83 -1.40 -0.90 12.67
C LYS A 83 0.05 -0.56 12.91
N LEU A 84 0.29 0.53 13.61
CA LEU A 84 1.66 0.99 13.90
C LEU A 84 2.11 0.85 15.36
N ASP A 85 1.21 0.47 16.24
CA ASP A 85 1.56 0.39 17.65
C ASP A 85 2.05 -0.99 18.05
N LYS A 86 2.41 -1.85 17.11
CA LYS A 86 3.19 -3.06 17.42
C LYS A 86 4.64 -2.71 17.81
N PRO A 87 5.21 -3.37 18.84
CA PRO A 87 6.61 -3.13 19.23
C PRO A 87 7.61 -3.20 18.07
N ALA A 88 7.46 -4.21 17.22
CA ALA A 88 8.38 -4.38 16.13
C ALA A 88 8.34 -3.24 15.13
N LEU A 89 7.36 -2.34 15.25
CA LEU A 89 7.18 -1.24 14.30
C LEU A 89 7.50 0.09 14.95
N SER A 90 8.18 0.06 16.09
CA SER A 90 8.39 1.31 16.84
C SER A 90 9.17 2.33 16.01
N ASP A 91 10.04 1.83 15.14
CA ASP A 91 10.86 2.68 14.30
C ASP A 91 9.98 3.35 13.23
N VAL A 92 9.15 2.51 12.61
CA VAL A 92 8.23 2.93 11.57
C VAL A 92 7.24 3.96 12.17
N LEU A 93 6.74 3.69 13.35
CA LEU A 93 5.89 4.67 14.04
C LEU A 93 6.57 6.04 14.26
N LYS A 94 7.82 6.01 14.69
CA LYS A 94 8.60 7.23 14.89
C LYS A 94 8.70 8.01 13.58
N GLU A 95 8.95 7.30 12.46
CA GLU A 95 9.09 7.95 11.18
C GLU A 95 7.77 8.62 10.79
N TYR A 96 6.66 7.90 10.93
CA TYR A 96 5.35 8.42 10.54
C TYR A 96 4.81 9.48 11.48
N THR A 97 5.38 9.60 12.66
CA THR A 97 4.85 10.60 13.61
C THR A 97 5.84 11.75 13.84
N THR A 98 6.83 11.89 12.96
CA THR A 98 7.70 13.02 12.93
C THR A 98 7.19 14.07 11.96
N ILE A 99 6.69 15.17 12.49
CA ILE A 99 6.08 16.17 11.66
C ILE A 99 7.17 16.67 10.68
N GLY A 100 6.77 16.94 9.43
CA GLY A 100 7.66 17.36 8.42
C GLY A 100 8.47 16.28 7.72
N ASN A 101 8.52 15.09 8.28
CA ASN A 101 9.33 13.99 7.77
C ASN A 101 8.88 13.57 6.39
N ILE A 102 9.85 13.06 5.63
CA ILE A 102 9.59 12.48 4.32
C ILE A 102 9.91 10.99 4.30
N ILE A 103 8.91 10.20 3.96
CA ILE A 103 8.97 8.76 4.02
C ILE A 103 8.84 8.18 2.57
N ILE A 104 9.63 7.17 2.28
CA ILE A 104 9.57 6.46 1.00
C ILE A 104 8.96 5.08 1.30
N ASP A 105 7.78 4.81 0.82
CA ASP A 105 7.23 3.50 1.02
C ASP A 105 7.75 2.57 -0.09
N LYS A 106 8.45 1.54 0.31
CA LYS A 106 9.11 0.69 -0.65
C LYS A 106 8.21 -0.33 -1.32
N ALA A 107 7.08 -0.67 -0.70
CA ALA A 107 6.20 -1.70 -1.25
C ALA A 107 5.24 -1.03 -2.18
N PHE A 108 4.34 -1.80 -2.77
CA PHE A 108 3.19 -1.23 -3.40
C PHE A 108 2.31 -0.72 -2.22
N MET A 109 1.66 0.42 -2.41
CA MET A 109 0.83 1.03 -1.34
C MET A 109 -0.65 0.99 -1.68
N SER A 110 -1.38 0.20 -0.88
CA SER A 110 -2.80 0.03 -1.01
C SER A 110 -3.60 1.11 -0.22
N THR A 111 -4.48 1.81 -0.90
CA THR A 111 -5.28 2.86 -0.30
C THR A 111 -6.73 2.66 -0.77
N SER A 112 -7.67 3.35 -0.12
CA SER A 112 -9.05 3.34 -0.56
C SER A 112 -9.46 4.78 -0.86
N PRO A 113 -10.13 5.00 -1.98
CA PRO A 113 -10.61 6.34 -2.23
C PRO A 113 -11.90 6.68 -1.45
N ASP A 114 -12.53 5.67 -0.86
CA ASP A 114 -13.90 5.76 -0.42
C ASP A 114 -13.95 5.83 1.08
N LYS A 115 -13.17 4.98 1.74
CA LYS A 115 -13.27 4.90 3.19
C LYS A 115 -11.98 4.45 3.80
N ALA A 116 -11.82 4.77 5.08
CA ALA A 116 -10.72 4.27 5.84
C ALA A 116 -11.12 3.09 6.66
N TRP A 117 -10.31 2.07 6.57
CA TRP A 117 -10.44 0.91 7.38
C TRP A 117 -9.85 1.20 8.78
N ILE A 118 -10.67 1.06 9.81
CA ILE A 118 -10.28 1.44 11.15
C ILE A 118 -9.09 0.62 11.64
N ASN A 119 -8.09 1.33 12.16
CA ASN A 119 -6.94 0.66 12.78
C ASN A 119 -6.31 1.69 13.75
N ASP A 120 -5.21 1.37 14.46
CA ASP A 120 -4.70 2.37 15.42
C ASP A 120 -4.35 3.70 14.72
N THR A 121 -3.95 3.62 13.46
CA THR A 121 -3.51 4.77 12.65
C THR A 121 -4.32 4.88 11.39
N ILE A 122 -4.95 6.03 11.20
CA ILE A 122 -5.62 6.39 9.95
C ILE A 122 -4.82 7.39 9.22
N LEU A 123 -4.44 7.04 7.97
CA LEU A 123 -3.73 7.94 7.07
C LEU A 123 -4.70 8.62 6.17
N ASN A 124 -4.59 9.94 6.13
CA ASN A 124 -5.37 10.84 5.32
C ASN A 124 -4.38 11.39 4.35
N ILE A 125 -4.44 10.85 3.12
CA ILE A 125 -3.34 11.06 2.13
C ILE A 125 -3.81 11.93 0.99
N TYR A 126 -3.32 13.17 0.96
CA TYR A 126 -3.62 14.07 -0.12
C TYR A 126 -2.74 13.80 -1.33
N LEU A 127 -3.33 13.99 -2.49
CA LEU A 127 -2.67 13.62 -3.78
C LEU A 127 -2.67 14.87 -4.63
N GLU A 128 -1.60 15.08 -5.41
CA GLU A 128 -1.53 16.16 -6.39
C GLU A 128 -1.73 15.56 -7.78
N LYS A 129 -2.13 16.40 -8.73
CA LYS A 129 -2.49 15.94 -10.08
C LYS A 129 -1.29 15.19 -10.69
N GLY A 130 -1.56 14.09 -11.40
CA GLY A 130 -0.52 13.31 -12.05
C GLY A 130 0.23 12.28 -11.23
N HIS A 131 -0.23 12.03 -10.02
CA HIS A 131 0.33 11.04 -9.13
C HIS A 131 0.19 9.66 -9.76
N LYS A 132 0.89 8.67 -9.22
CA LYS A 132 1.00 7.33 -9.84
C LYS A 132 -0.01 6.30 -9.35
N GLY A 133 -0.92 6.72 -8.48
CA GLY A 133 -1.91 5.82 -7.97
C GLY A 133 -2.96 5.55 -8.97
N ARG A 134 -3.51 4.33 -8.92
CA ARG A 134 -4.52 3.94 -9.89
C ARG A 134 -5.57 3.11 -9.26
N ILE A 135 -6.82 3.44 -9.58
CA ILE A 135 -7.98 2.64 -9.17
C ILE A 135 -7.96 1.26 -9.84
N LEU A 136 -8.08 0.19 -9.07
CA LEU A 136 -7.96 -1.17 -9.68
C LEU A 136 -9.18 -1.60 -10.39
N GLY A 137 -10.35 -1.30 -9.84
CA GLY A 137 -11.60 -1.71 -10.46
C GLY A 137 -11.63 -3.23 -10.62
N ASP A 138 -12.07 -3.68 -11.77
CA ASP A 138 -12.21 -5.12 -12.03
C ASP A 138 -10.88 -5.87 -12.20
N VAL A 139 -9.75 -5.18 -12.23
CA VAL A 139 -8.47 -5.86 -12.11
C VAL A 139 -8.29 -6.42 -10.68
N ALA A 140 -8.99 -5.86 -9.69
CA ALA A 140 -8.86 -6.35 -8.30
C ALA A 140 -9.48 -7.75 -8.19
N HIS A 141 -8.91 -8.60 -7.33
CA HIS A 141 -9.40 -9.95 -7.19
C HIS A 141 -10.72 -10.02 -6.48
N PHE A 142 -10.76 -9.47 -5.26
CA PHE A 142 -12.00 -9.30 -4.51
C PHE A 142 -12.47 -7.87 -4.85
N LYS A 143 -13.63 -7.77 -5.49
CA LYS A 143 -14.15 -6.46 -5.91
C LYS A 143 -15.23 -5.96 -4.93
N GLY A 144 -15.77 -4.79 -5.23
CA GLY A 144 -16.84 -4.22 -4.41
C GLY A 144 -16.35 -3.41 -3.24
N GLU A 145 -15.06 -3.43 -2.93
CA GLU A 145 -14.48 -2.33 -2.17
C GLU A 145 -13.44 -1.69 -3.08
N ALA A 146 -13.56 -0.39 -3.30
CA ALA A 146 -12.60 0.31 -4.12
C ALA A 146 -11.17 0.33 -3.52
N GLU A 147 -10.21 0.33 -4.44
CA GLU A 147 -8.78 0.35 -4.10
C GLU A 147 -7.98 1.15 -5.12
N MET A 148 -7.28 2.15 -4.62
CA MET A 148 -6.28 2.85 -5.38
C MET A 148 -4.91 2.30 -4.94
N LEU A 149 -4.19 1.66 -5.87
CA LEU A 149 -2.86 1.13 -5.59
C LEU A 149 -1.78 2.02 -6.18
N PHE A 150 -0.68 2.11 -5.45
CA PHE A 150 0.48 2.86 -5.87
C PHE A 150 1.65 1.90 -6.04
N PRO A 151 2.52 2.19 -7.01
CA PRO A 151 3.71 1.36 -7.24
C PRO A 151 4.74 1.59 -6.17
N PRO A 152 5.78 0.75 -6.15
CA PRO A 152 6.82 0.97 -5.18
C PRO A 152 7.43 2.35 -5.17
N ASN A 153 7.81 2.78 -3.97
CA ASN A 153 8.61 3.98 -3.74
C ASN A 153 7.86 5.29 -3.71
N THR A 154 6.61 5.23 -3.30
CA THR A 154 5.81 6.45 -3.09
C THR A 154 6.44 7.27 -1.97
N LYS A 155 6.60 8.58 -2.21
CA LYS A 155 7.22 9.47 -1.28
C LYS A 155 6.10 10.28 -0.61
N LEU A 156 6.10 10.28 0.71
CA LEU A 156 4.96 10.83 1.51
C LEU A 156 5.52 11.87 2.45
N LYS A 157 4.90 13.03 2.46
CA LYS A 157 5.29 14.08 3.47
C LYS A 157 4.32 14.02 4.65
N ILE A 158 4.86 14.02 5.88
CA ILE A 158 4.02 14.01 7.07
C ILE A 158 3.68 15.46 7.40
N GLU A 159 2.41 15.82 7.24
CA GLU A 159 1.99 17.23 7.37
C GLU A 159 1.51 17.55 8.79
N SER A 160 0.64 16.72 9.35
CA SER A 160 0.24 16.91 10.74
C SER A 160 -0.19 15.58 11.31
N ILE A 161 -0.01 15.43 12.61
CA ILE A 161 -0.41 14.27 13.33
C ILE A 161 -1.44 14.66 14.38
N VAL A 162 -2.55 13.95 14.44
CA VAL A 162 -3.65 14.31 15.33
C VAL A 162 -3.95 13.12 16.21
N ASN A 163 -3.55 13.21 17.49
CA ASN A 163 -3.75 12.18 18.43
C ASN A 163 -5.17 12.11 18.93
N CYS A 164 -5.59 10.93 19.34
CA CYS A 164 -6.94 10.80 19.85
C CYS A 164 -7.13 11.64 21.13
N GLY A 165 -8.38 12.04 21.38
CA GLY A 165 -8.80 12.56 22.68
C GLY A 165 -8.79 14.06 22.73
N SER A 166 -9.12 14.73 21.61
CA SER A 166 -9.21 16.17 21.52
C SER A 166 -10.36 16.48 20.64
N GLN A 167 -10.90 17.71 20.73
CA GLN A 167 -11.85 18.16 19.73
C GLN A 167 -11.33 18.19 18.31
N ASP A 168 -10.08 18.60 18.03
CA ASP A 168 -9.54 18.55 16.77
C ASP A 168 -9.65 17.12 16.16
N PHE A 169 -9.21 16.16 16.92
CA PHE A 169 -9.26 14.78 16.47
C PHE A 169 -10.70 14.34 16.19
N ALA A 170 -11.60 14.67 17.11
CA ALA A 170 -13.00 14.33 16.94
C ALA A 170 -13.60 14.91 15.69
N SER A 171 -13.24 16.16 15.37
CA SER A 171 -13.75 16.80 14.22
C SER A 171 -13.14 16.15 12.95
N GLN A 172 -11.83 15.99 12.96
CA GLN A 172 -11.18 15.42 11.79
C GLN A 172 -11.70 14.04 11.52
N LEU A 173 -11.92 13.24 12.56
CA LEU A 173 -12.45 11.88 12.38
C LEU A 173 -13.83 11.88 11.83
N SER A 174 -14.65 12.85 12.27
CA SER A 174 -16.01 12.94 11.81
C SER A 174 -16.07 13.26 10.35
N LYS A 175 -15.00 13.80 9.81
CA LYS A 175 -15.01 14.16 8.41
C LYS A 175 -14.45 13.09 7.49
N LEU A 176 -14.05 11.96 8.06
CA LEU A 176 -13.61 10.79 7.30
C LEU A 176 -14.76 9.84 7.19
N ARG A 177 -14.79 9.05 6.11
CA ARG A 177 -15.75 8.00 6.00
C ARG A 177 -14.99 6.76 6.48
N LEU A 178 -15.53 6.12 7.50
CA LEU A 178 -14.81 5.01 8.13
C LEU A 178 -15.51 3.73 7.73
N SER A 179 -14.77 2.63 7.60
CA SER A 179 -15.34 1.26 7.42
C SER A 179 -16.36 0.99 8.52
N ASP A 180 -17.53 0.44 8.21
CA ASP A 180 -18.48 0.03 9.26
C ASP A 180 -18.74 -1.47 9.23
N ASP A 181 -17.66 -2.19 9.08
CA ASP A 181 -17.65 -3.63 9.03
C ASP A 181 -17.96 -4.30 10.39
N ALA A 182 -18.04 -5.64 10.37
CA ALA A 182 -18.44 -6.43 11.51
C ALA A 182 -17.70 -6.18 12.79
N THR A 183 -16.48 -5.69 12.73
CA THR A 183 -15.78 -5.41 13.97
C THR A 183 -15.33 -3.98 14.09
N ALA A 184 -15.99 -3.06 13.39
CA ALA A 184 -15.58 -1.64 13.44
C ALA A 184 -15.78 -1.02 14.82
N ASP A 185 -14.76 -0.31 15.30
CA ASP A 185 -14.81 0.41 16.58
C ASP A 185 -13.85 1.56 16.55
N THR A 186 -14.38 2.77 16.38
CA THR A 186 -13.58 3.95 16.27
C THR A 186 -12.82 4.24 17.57
N ASN A 187 -13.26 3.68 18.68
CA ASN A 187 -12.49 3.86 19.92
C ASN A 187 -11.10 3.23 19.89
N ARG A 188 -10.82 2.33 18.91
CA ARG A 188 -9.49 1.80 18.69
C ARG A 188 -8.50 2.74 18.04
N ILE A 189 -8.98 3.84 17.51
CA ILE A 189 -8.12 4.79 16.77
C ILE A 189 -7.27 5.63 17.70
N LYS A 190 -5.96 5.56 17.51
CA LYS A 190 -4.98 6.26 18.31
C LYS A 190 -4.60 7.62 17.67
N ARG A 191 -4.56 7.66 16.36
CA ARG A 191 -4.11 8.83 15.66
C ARG A 191 -4.58 8.89 14.23
N ILE A 192 -4.70 10.10 13.77
CA ILE A 192 -4.78 10.43 12.36
C ILE A 192 -3.50 11.08 11.95
N ILE A 193 -2.97 10.64 10.78
CA ILE A 193 -1.84 11.27 10.16
C ILE A 193 -2.22 11.86 8.81
N ASN A 194 -2.05 13.16 8.70
CA ASN A 194 -2.32 13.90 7.47
C ASN A 194 -1.01 13.93 6.72
N MET A 195 -1.06 13.39 5.50
CA MET A 195 0.13 13.20 4.64
C MET A 195 -0.15 13.69 3.25
N ARG A 196 0.92 13.83 2.46
CA ARG A 196 0.79 14.27 1.09
C ARG A 196 1.75 13.44 0.25
N VAL A 197 1.25 12.86 -0.81
CA VAL A 197 2.18 12.23 -1.82
C VAL A 197 2.97 13.26 -2.59
N LEU A 198 4.30 13.11 -2.62
CA LEU A 198 5.15 14.05 -3.38
C LEU A 198 5.44 13.42 -4.72
N ASN A 199 4.88 13.99 -5.79
CA ASN A 199 5.03 13.42 -7.17
C ASN A 199 6.39 13.79 -7.70
N SER A 200 6.82 13.04 -8.71
CA SER A 200 7.96 13.36 -9.58
C SER A 200 9.15 12.42 -9.29
#